data_6UWK
#
_entry.id   6UWK
#
_cell.length_a   38.370
_cell.length_b   62.635
_cell.length_c   160.199
_cell.angle_alpha   90.000
_cell.angle_beta   90.000
_cell.angle_gamma   90.000
#
_symmetry.space_group_name_H-M   'P 21 21 21'
#
loop_
_entity.id
_entity.type
_entity.pdbx_description
1 polymer I-OnuI-e-Therm-hChr11v3
2 polymer 'DNA (27-MER)'
3 polymer 'DNA (27-MER)'
4 non-polymer 'CALCIUM ION'
5 non-polymer 1,2-ETHANEDIOL
6 water water
#
loop_
_entity_poly.entity_id
_entity_poly.type
_entity_poly.pdbx_seq_one_letter_code
_entity_poly.pdbx_strand_id
1 'polypeptide(L)'
;MASSINPWILTGFADAEGSFLLRIRKYSQTRVGYLTELGFQITLHNKDKSILENIQSTWGVGVIANSGDNAVSLKVTRFE
DLKVIIDHFEKYPLITQKYADYMLFKQAFNVMENKEHLTIEGIKELVRIKAKLNWGLTDELKKAFPEIISKERSLINKNI
PNFKWLAGFTSGDGCFFVNLSKKKTKLGVQVKLVFSISQHIRDKNLMNSLITYLGCGYIKKKNKSEFSWLEFVVTKFSDI
RDKIIPFFQEYTLIGTKLKDFEDWCKVAKLIEEKKHLTEEGLDEIKKIKLNMNKGR
;
A
2 'polydeoxyribonucleotide'
;(DG)(DG)(DG)(DC)(DC)(DT)(DC)(DC)(DA)(DC)(DT)(DT)(DA)(DT)(DT)(DC)(DG)(DA)(DC)(DC)
(DT)(DC)(DT)(DC)(DA)(DG)(DG)
;
B
3 'polydeoxyribonucleotide'
;(DC)(DC)(DC)(DT)(DG)(DA)(DG)(DA)(DG)(DG)(DT)(DC)(DG)(DA)(DA)(DT)(DA)(DA)(DG)(DT)
(DG)(DG)(DA)(DG)(DG)(DC)(DC)
;
C
#
# COMPACT_ATOMS: atom_id res chain seq x y z
N ALA A 2 11.25 -13.96 -14.24
CA ALA A 2 10.10 -13.27 -13.66
C ALA A 2 9.16 -12.76 -14.75
N SER A 3 8.05 -12.16 -14.34
CA SER A 3 7.06 -11.60 -15.27
C SER A 3 6.83 -10.14 -14.95
N SER A 4 6.46 -9.38 -15.98
CA SER A 4 6.26 -7.96 -15.83
C SER A 4 4.99 -7.66 -15.05
N ILE A 5 4.90 -6.43 -14.54
CA ILE A 5 3.73 -5.93 -13.83
C ILE A 5 3.22 -4.69 -14.55
N ASN A 6 1.91 -4.62 -14.72
CA ASN A 6 1.32 -3.45 -15.36
C ASN A 6 1.68 -2.20 -14.58
N PRO A 7 2.07 -1.11 -15.25
CA PRO A 7 2.56 0.07 -14.53
C PRO A 7 1.53 0.66 -13.58
N TRP A 8 0.26 0.72 -13.99
CA TRP A 8 -0.76 1.27 -13.10
C TRP A 8 -1.01 0.35 -11.92
N ILE A 9 -1.06 -0.96 -12.15
CA ILE A 9 -1.14 -1.91 -11.03
C ILE A 9 0.06 -1.72 -10.11
N LEU A 10 1.24 -1.47 -10.68
CA LEU A 10 2.43 -1.26 -9.86
C LEU A 10 2.33 0.03 -9.04
N THR A 11 1.79 1.10 -9.65
CA THR A 11 1.61 2.33 -8.90
C THR A 11 0.59 2.15 -7.78
N GLY A 12 -0.55 1.53 -8.10
CA GLY A 12 -1.53 1.24 -7.06
C GLY A 12 -0.95 0.44 -5.92
N PHE A 13 -0.14 -0.58 -6.24
CA PHE A 13 0.52 -1.33 -5.18
C PHE A 13 1.53 -0.47 -4.44
N ALA A 14 2.06 0.57 -5.09
CA ALA A 14 2.96 1.50 -4.42
C ALA A 14 2.23 2.52 -3.57
N ASP A 15 0.94 2.77 -3.84
CA ASP A 15 0.16 3.58 -2.92
C ASP A 15 -0.19 2.80 -1.66
N ALA A 16 -0.38 1.49 -1.78
CA ALA A 16 -0.73 0.65 -0.64
C ALA A 16 0.50 0.13 0.09
N GLU A 17 1.53 -0.25 -0.65
CA GLU A 17 2.81 -0.65 -0.08
C GLU A 17 3.88 0.34 -0.54
N GLY A 18 5.10 0.15 -0.04
CA GLY A 18 6.18 1.01 -0.47
C GLY A 18 6.29 2.30 0.32
N SER A 19 7.52 2.68 0.68
CA SER A 19 7.78 3.89 1.41
C SER A 19 9.05 4.53 0.88
N PHE A 20 9.02 5.84 0.65
CA PHE A 20 10.24 6.56 0.36
C PHE A 20 11.05 6.72 1.64
N LEU A 21 12.37 6.83 1.49
CA LEU A 21 13.25 6.93 2.65
C LEU A 21 14.41 7.86 2.31
N LEU A 22 14.86 8.61 3.32
CA LEU A 22 15.95 9.56 3.19
C LEU A 22 16.78 9.49 4.46
N ARG A 23 17.94 8.85 4.40
CA ARG A 23 18.80 8.69 5.55
C ARG A 23 19.79 9.84 5.63
N ILE A 24 19.84 10.50 6.79
CA ILE A 24 20.76 11.61 7.05
C ILE A 24 21.46 11.27 8.36
N ARG A 25 22.58 10.55 8.27
CA ARG A 25 23.29 10.05 9.44
C ARG A 25 24.58 10.84 9.67
N LYS A 26 24.93 11.00 10.94
CA LYS A 26 26.24 11.54 11.29
C LYS A 26 27.32 10.54 10.89
N TYR A 27 28.35 11.04 10.22
CA TYR A 27 29.33 10.18 9.57
C TYR A 27 30.72 10.81 9.71
N SER A 28 31.70 9.98 10.09
CA SER A 28 33.06 10.46 10.28
C SER A 28 33.89 10.44 9.01
N GLN A 29 33.46 9.72 7.98
CA GLN A 29 34.24 9.54 6.77
C GLN A 29 33.77 10.43 5.62
N THR A 30 33.16 11.57 5.94
CA THR A 30 32.85 12.58 4.94
C THR A 30 33.17 13.95 5.50
N ARG A 31 33.62 14.85 4.61
CA ARG A 31 33.97 16.19 5.03
C ARG A 31 32.84 16.86 5.80
N VAL A 32 31.64 16.86 5.22
CA VAL A 32 30.51 17.52 5.85
C VAL A 32 30.10 16.81 7.14
N GLY A 33 30.49 15.56 7.33
CA GLY A 33 30.18 14.83 8.54
C GLY A 33 28.85 14.11 8.56
N TYR A 34 28.23 13.92 7.39
CA TYR A 34 26.94 13.25 7.32
C TYR A 34 26.94 12.28 6.15
N LEU A 35 26.19 11.19 6.31
CA LEU A 35 25.99 10.20 5.26
C LEU A 35 24.52 10.20 4.88
N THR A 36 24.25 10.36 3.59
CA THR A 36 22.89 10.46 3.08
C THR A 36 22.57 9.24 2.22
N GLU A 37 21.30 8.83 2.26
CA GLU A 37 20.84 7.69 1.48
C GLU A 37 19.36 7.89 1.14
N LEU A 38 19.08 8.08 -0.15
CA LEU A 38 17.74 8.30 -0.65
C LEU A 38 17.27 7.08 -1.44
N GLY A 39 16.01 6.71 -1.26
CA GLY A 39 15.54 5.54 -1.97
C GLY A 39 14.06 5.30 -1.80
N PHE A 40 13.66 4.09 -2.20
CA PHE A 40 12.28 3.62 -2.16
C PHE A 40 12.31 2.14 -1.81
N GLN A 41 11.28 1.67 -1.11
CA GLN A 41 11.29 0.30 -0.64
C GLN A 41 9.87 -0.22 -0.49
N ILE A 42 9.75 -1.55 -0.56
CA ILE A 42 8.49 -2.26 -0.36
C ILE A 42 8.78 -3.50 0.47
N THR A 43 8.03 -3.69 1.55
CA THR A 43 8.22 -4.81 2.46
C THR A 43 6.94 -5.63 2.52
N LEU A 44 7.05 -6.93 2.24
CA LEU A 44 5.92 -7.84 2.23
C LEU A 44 6.26 -9.09 3.01
N HIS A 45 5.27 -9.94 3.19
CA HIS A 45 5.50 -11.23 3.83
C HIS A 45 6.34 -12.12 2.93
N ASN A 46 7.09 -13.03 3.56
CA ASN A 46 7.93 -13.95 2.79
C ASN A 46 7.14 -14.60 1.67
N LYS A 47 5.89 -15.00 1.94
CA LYS A 47 5.07 -15.66 0.94
C LYS A 47 4.85 -14.81 -0.30
N ASP A 48 5.02 -13.49 -0.19
CA ASP A 48 4.81 -12.59 -1.32
C ASP A 48 6.11 -12.06 -1.92
N LYS A 49 7.22 -12.77 -1.72
CA LYS A 49 8.47 -12.38 -2.35
C LYS A 49 8.36 -12.38 -3.87
N SER A 50 7.40 -13.11 -4.43
CA SER A 50 7.22 -13.15 -5.88
C SER A 50 6.95 -11.75 -6.44
N ILE A 51 6.09 -10.99 -5.77
CA ILE A 51 5.79 -9.63 -6.22
C ILE A 51 7.07 -8.82 -6.34
N LEU A 52 7.91 -8.88 -5.30
CA LEU A 52 9.16 -8.14 -5.31
C LEU A 52 10.02 -8.52 -6.51
N GLU A 53 10.16 -9.83 -6.76
CA GLU A 53 10.96 -10.27 -7.90
C GLU A 53 10.40 -9.74 -9.21
N ASN A 54 9.08 -9.80 -9.39
CA ASN A 54 8.47 -9.30 -10.62
C ASN A 54 8.61 -7.79 -10.71
N ILE A 55 8.53 -7.08 -9.58
CA ILE A 55 8.80 -5.65 -9.58
C ILE A 55 10.26 -5.40 -9.94
N GLN A 56 11.17 -6.10 -9.25
CA GLN A 56 12.59 -5.95 -9.53
C GLN A 56 12.89 -6.18 -11.01
N SER A 57 12.23 -7.17 -11.62
CA SER A 57 12.44 -7.45 -13.04
C SER A 57 11.74 -6.42 -13.92
N THR A 58 10.57 -5.94 -13.51
CA THR A 58 9.88 -4.92 -14.28
C THR A 58 10.68 -3.63 -14.36
N TRP A 59 11.09 -3.11 -13.21
CA TRP A 59 11.89 -1.89 -13.16
C TRP A 59 13.35 -2.13 -13.49
N GLY A 60 13.83 -3.37 -13.41
CA GLY A 60 15.24 -3.63 -13.60
C GLY A 60 16.11 -2.93 -12.57
N VAL A 61 15.62 -2.83 -11.33
CA VAL A 61 16.28 -2.06 -10.29
C VAL A 61 15.90 -2.66 -8.94
N GLY A 62 16.69 -2.34 -7.92
CA GLY A 62 16.35 -2.72 -6.56
C GLY A 62 17.00 -4.03 -6.14
N VAL A 63 17.08 -4.21 -4.82
CA VAL A 63 17.67 -5.40 -4.23
C VAL A 63 16.70 -5.96 -3.20
N ILE A 64 16.74 -7.28 -3.04
CA ILE A 64 15.84 -7.99 -2.15
C ILE A 64 16.63 -8.51 -0.96
N ALA A 65 16.05 -8.39 0.23
CA ALA A 65 16.69 -8.84 1.45
C ALA A 65 15.64 -9.16 2.49
N ASN A 66 15.95 -10.12 3.36
CA ASN A 66 15.07 -10.45 4.46
C ASN A 66 14.75 -9.20 5.27
N SER A 67 13.51 -9.12 5.75
CA SER A 67 13.07 -8.04 6.65
C SER A 67 12.55 -8.68 7.92
N GLY A 68 13.46 -9.30 8.67
CA GLY A 68 13.07 -10.08 9.82
C GLY A 68 12.85 -11.54 9.48
N ASP A 69 12.35 -12.27 10.47
CA ASP A 69 12.18 -13.71 10.30
C ASP A 69 11.00 -14.07 9.41
N ASN A 70 10.05 -13.14 9.19
CA ASN A 70 8.84 -13.45 8.46
C ASN A 70 8.63 -12.59 7.22
N ALA A 71 9.40 -11.54 7.01
CA ALA A 71 9.14 -10.60 5.95
C ALA A 71 10.39 -10.39 5.08
N VAL A 72 10.16 -9.81 3.91
CA VAL A 72 11.21 -9.46 2.96
C VAL A 72 10.89 -8.09 2.39
N SER A 73 11.90 -7.43 1.83
CA SER A 73 11.75 -6.08 1.34
C SER A 73 12.42 -5.95 -0.02
N LEU A 74 11.99 -4.94 -0.77
CA LEU A 74 12.64 -4.51 -2.01
C LEU A 74 13.12 -3.08 -1.81
N LYS A 75 14.43 -2.88 -1.84
CA LYS A 75 15.03 -1.58 -1.57
C LYS A 75 15.73 -1.07 -2.82
N VAL A 76 15.51 0.21 -3.12
CA VAL A 76 16.17 0.91 -4.22
C VAL A 76 16.81 2.15 -3.64
N THR A 77 18.12 2.06 -3.36
CA THR A 77 18.87 3.22 -2.89
C THR A 77 20.06 3.59 -3.77
N ARG A 78 20.49 2.70 -4.67
CA ARG A 78 21.50 3.07 -5.64
C ARG A 78 21.03 4.30 -6.40
N PHE A 79 21.80 5.39 -6.30
CA PHE A 79 21.31 6.69 -6.76
C PHE A 79 20.89 6.64 -8.23
N GLU A 80 21.75 6.08 -9.09
CA GLU A 80 21.44 6.06 -10.52
C GLU A 80 20.18 5.26 -10.80
N ASP A 81 19.87 4.28 -9.95
CA ASP A 81 18.65 3.50 -10.12
C ASP A 81 17.39 4.27 -9.73
N LEU A 82 17.53 5.33 -8.95
CA LEU A 82 16.37 6.14 -8.59
C LEU A 82 15.76 6.85 -9.79
N LYS A 83 16.51 6.99 -10.88
CA LYS A 83 15.97 7.60 -12.08
C LYS A 83 14.80 6.79 -12.63
N VAL A 84 14.89 5.46 -12.56
CA VAL A 84 13.77 4.62 -12.97
C VAL A 84 12.55 4.91 -12.11
N ILE A 85 12.74 5.05 -10.80
CA ILE A 85 11.62 5.35 -9.92
C ILE A 85 10.98 6.68 -10.28
N ILE A 86 11.81 7.71 -10.52
CA ILE A 86 11.27 9.00 -10.93
C ILE A 86 10.57 8.89 -12.28
N ASP A 87 11.19 8.18 -13.23
CA ASP A 87 10.59 8.02 -14.54
C ASP A 87 9.24 7.32 -14.46
N HIS A 88 9.14 6.27 -13.63
CA HIS A 88 7.89 5.53 -13.51
C HIS A 88 6.78 6.41 -12.94
N PHE A 89 7.06 7.05 -11.80
CA PHE A 89 6.03 7.82 -11.10
C PHE A 89 5.69 9.13 -11.79
N GLU A 90 6.56 9.63 -12.66
CA GLU A 90 6.19 10.79 -13.47
C GLU A 90 5.14 10.43 -14.51
N LYS A 91 5.24 9.24 -15.09
CA LYS A 91 4.25 8.75 -16.05
C LYS A 91 3.05 8.11 -15.38
N TYR A 92 3.24 7.49 -14.21
CA TYR A 92 2.18 6.81 -13.48
C TYR A 92 2.19 7.34 -12.05
N PRO A 93 1.56 8.49 -11.81
CA PRO A 93 1.72 9.17 -10.52
C PRO A 93 0.89 8.54 -9.41
N LEU A 94 1.40 8.68 -8.19
CA LEU A 94 0.68 8.25 -7.01
C LEU A 94 -0.45 9.24 -6.71
N ILE A 95 -1.51 8.74 -6.08
CA ILE A 95 -2.69 9.55 -5.80
C ILE A 95 -3.02 9.64 -4.31
N THR A 96 -2.39 8.85 -3.46
CA THR A 96 -2.57 9.02 -2.02
C THR A 96 -1.64 10.11 -1.52
N GLN A 97 -1.73 10.41 -0.22
CA GLN A 97 -0.83 11.41 0.35
C GLN A 97 0.64 11.02 0.22
N LYS A 98 0.92 9.74 -0.07
CA LYS A 98 2.28 9.31 -0.34
C LYS A 98 2.88 10.06 -1.53
N TYR A 99 2.04 10.62 -2.40
CA TYR A 99 2.55 11.40 -3.53
C TYR A 99 3.29 12.64 -3.06
N ALA A 100 2.89 13.21 -1.92
CA ALA A 100 3.64 14.32 -1.34
C ALA A 100 5.02 13.88 -0.87
N ASP A 101 5.14 12.63 -0.40
CA ASP A 101 6.45 12.11 -0.03
C ASP A 101 7.31 11.85 -1.25
N TYR A 102 6.70 11.38 -2.34
CA TYR A 102 7.45 11.25 -3.59
C TYR A 102 8.01 12.59 -4.04
N MET A 103 7.22 13.66 -3.93
CA MET A 103 7.70 14.97 -4.32
C MET A 103 8.89 15.40 -3.46
N LEU A 104 8.81 15.17 -2.15
CA LEU A 104 9.95 15.45 -1.29
C LEU A 104 11.14 14.58 -1.67
N PHE A 105 10.89 13.30 -1.96
CA PHE A 105 11.93 12.43 -2.49
C PHE A 105 12.53 12.99 -3.78
N LYS A 106 11.66 13.54 -4.65
CA LYS A 106 12.15 14.12 -5.90
C LYS A 106 13.05 15.32 -5.64
N GLN A 107 12.70 16.15 -4.65
CA GLN A 107 13.54 17.29 -4.31
C GLN A 107 14.90 16.84 -3.79
N ALA A 108 14.91 15.88 -2.87
CA ALA A 108 16.18 15.38 -2.34
C ALA A 108 17.07 14.84 -3.46
N PHE A 109 16.48 14.18 -4.45
CA PHE A 109 17.24 13.67 -5.58
C PHE A 109 18.04 14.79 -6.25
N ASN A 110 17.39 15.94 -6.48
CA ASN A 110 18.06 17.04 -7.17
C ASN A 110 19.18 17.63 -6.33
N VAL A 111 19.04 17.65 -5.01
CA VAL A 111 20.13 18.11 -4.16
C VAL A 111 21.34 17.18 -4.29
N MET A 112 21.09 15.88 -4.22
CA MET A 112 22.18 14.91 -4.36
C MET A 112 22.68 14.83 -5.79
N GLU A 113 21.80 15.04 -6.78
CA GLU A 113 22.23 14.99 -8.17
C GLU A 113 23.30 16.03 -8.45
N ASN A 114 23.17 17.22 -7.86
CA ASN A 114 24.17 18.26 -8.00
C ASN A 114 25.34 18.08 -7.04
N LYS A 115 25.32 17.04 -6.20
CA LYS A 115 26.37 16.76 -5.23
C LYS A 115 26.37 17.75 -4.07
N GLU A 116 25.28 18.49 -3.89
CA GLU A 116 25.20 19.47 -2.80
C GLU A 116 25.11 18.79 -1.44
N HIS A 117 24.76 17.51 -1.38
CA HIS A 117 24.68 16.81 -0.10
C HIS A 117 26.05 16.66 0.55
N LEU A 118 27.13 16.86 -0.19
CA LEU A 118 28.46 16.83 0.39
C LEU A 118 28.83 18.12 1.11
N THR A 119 27.98 19.13 1.07
CA THR A 119 28.23 20.41 1.72
C THR A 119 27.28 20.59 2.90
N ILE A 120 27.63 21.55 3.76
CA ILE A 120 26.81 21.83 4.93
C ILE A 120 25.47 22.42 4.50
N GLU A 121 25.47 23.28 3.48
CA GLU A 121 24.23 23.88 3.01
C GLU A 121 23.32 22.82 2.38
N GLY A 122 23.88 21.96 1.53
CA GLY A 122 23.08 20.91 0.93
C GLY A 122 22.44 20.01 1.96
N ILE A 123 23.19 19.65 2.99
CA ILE A 123 22.62 18.85 4.08
C ILE A 123 21.43 19.58 4.70
N LYS A 124 21.62 20.85 5.06
CA LYS A 124 20.54 21.64 5.62
C LYS A 124 19.30 21.58 4.74
N GLU A 125 19.49 21.74 3.43
CA GLU A 125 18.37 21.63 2.50
C GLU A 125 17.69 20.27 2.62
N LEU A 126 18.48 19.19 2.65
CA LEU A 126 17.91 17.86 2.80
C LEU A 126 17.15 17.74 4.12
N VAL A 127 17.67 18.35 5.19
CA VAL A 127 16.99 18.30 6.47
C VAL A 127 15.63 18.98 6.39
N ARG A 128 15.58 20.15 5.74
CA ARG A 128 14.30 20.82 5.53
C ARG A 128 13.32 19.92 4.78
N ILE A 129 13.82 19.10 3.87
CA ILE A 129 12.95 18.18 3.14
C ILE A 129 12.56 17.00 4.02
N LYS A 130 13.54 16.43 4.73
CA LYS A 130 13.25 15.29 5.60
C LYS A 130 12.25 15.64 6.69
N ALA A 131 12.20 16.93 7.09
CA ALA A 131 11.28 17.34 8.13
C ALA A 131 9.84 16.99 7.77
N LYS A 132 9.50 17.03 6.48
CA LYS A 132 8.14 16.79 6.01
C LYS A 132 7.96 15.42 5.37
N LEU A 133 9.02 14.61 5.30
CA LEU A 133 8.94 13.29 4.69
C LEU A 133 8.56 12.25 5.73
N ASN A 134 7.44 11.57 5.51
CA ASN A 134 6.98 10.52 6.40
C ASN A 134 6.87 11.04 7.84
N TRP A 135 7.72 10.54 8.72
CA TRP A 135 7.64 10.82 10.14
C TRP A 135 8.60 11.93 10.59
N GLY A 136 9.07 12.76 9.66
CA GLY A 136 9.83 13.93 10.04
C GLY A 136 11.22 13.63 10.58
N LEU A 137 11.72 14.57 11.37
CA LEU A 137 13.08 14.55 11.88
C LEU A 137 13.12 14.04 13.32
N THR A 138 14.22 13.38 13.65
CA THR A 138 14.49 13.03 15.04
C THR A 138 14.89 14.28 15.81
N ASP A 139 14.61 14.28 17.12
CA ASP A 139 14.98 15.43 17.94
C ASP A 139 16.48 15.68 17.89
N GLU A 140 17.27 14.64 17.65
CA GLU A 140 18.72 14.82 17.54
C GLU A 140 19.06 15.76 16.39
N LEU A 141 18.38 15.61 15.24
CA LEU A 141 18.62 16.52 14.12
C LEU A 141 17.86 17.83 14.27
N LYS A 142 16.70 17.81 14.93
CA LYS A 142 15.99 19.05 15.20
C LYS A 142 16.88 20.04 15.94
N LYS A 143 17.46 19.60 17.06
CA LYS A 143 18.38 20.46 17.81
C LYS A 143 19.69 20.69 17.06
N ALA A 144 20.02 19.82 16.10
CA ALA A 144 21.24 20.03 15.32
C ALA A 144 21.06 21.13 14.29
N PHE A 145 19.87 21.23 13.69
CA PHE A 145 19.56 22.20 12.64
C PHE A 145 18.37 23.05 13.05
N PRO A 146 18.48 23.82 14.12
CA PRO A 146 17.36 24.66 14.56
C PRO A 146 17.14 25.83 13.63
N GLU A 147 15.96 26.44 13.77
CA GLU A 147 15.59 27.62 13.00
C GLU A 147 15.68 27.36 11.49
N ILE A 148 15.33 26.15 11.09
CA ILE A 148 15.31 25.76 9.68
C ILE A 148 13.86 25.82 9.21
N ILE A 149 13.63 26.54 8.11
CA ILE A 149 12.28 26.67 7.55
C ILE A 149 12.02 25.41 6.72
N SER A 150 11.31 24.45 7.31
CA SER A 150 10.97 23.23 6.59
C SER A 150 10.16 23.55 5.35
N LYS A 151 10.31 22.71 4.32
CA LYS A 151 9.52 22.87 3.11
C LYS A 151 8.04 22.63 3.41
N GLU A 152 7.20 23.08 2.49
CA GLU A 152 5.76 22.94 2.64
C GLU A 152 5.29 21.63 2.01
N ARG A 153 4.39 20.94 2.71
CA ARG A 153 3.85 19.68 2.23
C ARG A 153 2.46 19.93 1.63
N SER A 154 2.34 19.66 0.34
CA SER A 154 1.08 19.90 -0.36
C SER A 154 0.06 18.81 -0.04
N LEU A 155 -1.20 19.22 0.08
CA LEU A 155 -2.29 18.26 0.25
C LEU A 155 -2.63 17.61 -1.08
N ILE A 156 -2.58 16.29 -1.13
CA ILE A 156 -2.87 15.54 -2.34
C ILE A 156 -4.35 15.19 -2.36
N ASN A 157 -5.04 15.60 -3.43
CA ASN A 157 -6.47 15.32 -3.61
C ASN A 157 -6.70 15.06 -5.11
N LYS A 158 -6.31 13.87 -5.54
CA LYS A 158 -6.40 13.46 -6.93
C LYS A 158 -7.45 12.38 -7.10
N ASN A 159 -7.93 12.22 -8.34
CA ASN A 159 -8.93 11.21 -8.65
C ASN A 159 -8.27 9.87 -8.93
N ILE A 160 -9.04 8.80 -8.75
CA ILE A 160 -8.55 7.48 -9.14
C ILE A 160 -8.28 7.48 -10.64
N PRO A 161 -7.07 7.11 -11.08
CA PRO A 161 -6.75 7.19 -12.50
C PRO A 161 -7.38 6.09 -13.34
N ASN A 162 -7.34 4.86 -12.83
CA ASN A 162 -7.80 3.71 -13.58
C ASN A 162 -8.38 2.68 -12.62
N PHE A 163 -8.92 1.60 -13.20
CA PHE A 163 -9.29 0.44 -12.41
C PHE A 163 -8.06 -0.38 -12.03
N LYS A 164 -7.06 -0.42 -12.91
CA LYS A 164 -5.83 -1.16 -12.60
C LYS A 164 -5.15 -0.60 -11.37
N TRP A 165 -5.16 0.73 -11.21
CA TRP A 165 -4.60 1.32 -9.99
C TRP A 165 -5.28 0.74 -8.75
N LEU A 166 -6.60 0.57 -8.81
CA LEU A 166 -7.32 0.02 -7.66
C LEU A 166 -6.97 -1.45 -7.43
N ALA A 167 -6.74 -2.20 -8.50
CA ALA A 167 -6.32 -3.59 -8.35
C ALA A 167 -5.01 -3.68 -7.58
N GLY A 168 -4.05 -2.82 -7.90
CA GLY A 168 -2.80 -2.82 -7.17
C GLY A 168 -2.95 -2.30 -5.75
N PHE A 169 -3.74 -1.24 -5.58
CA PHE A 169 -3.95 -0.69 -4.24
C PHE A 169 -4.68 -1.70 -3.36
N THR A 170 -5.64 -2.44 -3.94
CA THR A 170 -6.34 -3.45 -3.16
C THR A 170 -5.42 -4.60 -2.77
N SER A 171 -4.58 -5.05 -3.70
CA SER A 171 -3.63 -6.11 -3.39
C SER A 171 -2.75 -5.75 -2.20
N GLY A 172 -2.51 -4.46 -1.99
CA GLY A 172 -1.70 -4.01 -0.87
C GLY A 172 -2.47 -3.88 0.42
N ASP A 173 -3.59 -3.13 0.38
CA ASP A 173 -4.35 -2.83 1.58
C ASP A 173 -5.76 -3.42 1.56
N GLY A 174 -6.07 -4.31 0.62
CA GLY A 174 -7.38 -4.89 0.54
C GLY A 174 -7.54 -6.15 1.36
N CYS A 175 -8.79 -6.59 1.49
CA CYS A 175 -9.11 -7.80 2.24
C CYS A 175 -10.38 -8.42 1.70
N PHE A 176 -10.37 -9.73 1.48
CA PHE A 176 -11.55 -10.50 1.09
C PHE A 176 -11.82 -11.50 2.21
N PHE A 177 -12.87 -11.25 2.99
CA PHE A 177 -13.14 -12.00 4.20
C PHE A 177 -14.49 -12.67 4.11
N VAL A 178 -14.58 -13.89 4.64
CA VAL A 178 -15.83 -14.62 4.76
C VAL A 178 -16.27 -14.51 6.22
N ASN A 179 -17.28 -13.70 6.47
CA ASN A 179 -17.75 -13.42 7.82
C ASN A 179 -18.73 -14.51 8.27
N LEU A 180 -18.38 -15.21 9.35
CA LEU A 180 -19.29 -16.14 10.01
C LEU A 180 -19.75 -15.50 11.31
N SER A 181 -21.06 -15.28 11.42
CA SER A 181 -21.65 -14.56 12.55
C SER A 181 -22.62 -15.48 13.26
N LYS A 182 -22.30 -15.85 14.50
CA LYS A 182 -23.21 -16.66 15.29
C LYS A 182 -24.53 -15.93 15.47
N LYS A 183 -25.63 -16.66 15.32
CA LYS A 183 -26.96 -16.08 15.38
C LYS A 183 -27.85 -16.95 16.26
N LYS A 184 -28.53 -16.33 17.22
CA LYS A 184 -29.47 -17.03 18.08
C LYS A 184 -30.64 -17.56 17.25
N THR A 185 -30.35 -18.49 16.33
CA THR A 185 -31.35 -19.03 15.42
C THR A 185 -31.13 -20.53 15.30
N LYS A 186 -31.97 -21.16 14.49
CA LYS A 186 -31.86 -22.61 14.29
C LYS A 186 -30.55 -22.96 13.60
N LEU A 187 -30.32 -22.40 12.40
CA LEU A 187 -29.07 -22.68 11.69
C LEU A 187 -27.87 -22.29 12.53
N GLY A 188 -27.96 -21.18 13.27
CA GLY A 188 -26.97 -20.79 14.25
C GLY A 188 -25.93 -19.81 13.76
N VAL A 189 -25.67 -19.75 12.46
CA VAL A 189 -24.60 -18.92 11.93
C VAL A 189 -25.05 -18.25 10.63
N GLN A 190 -24.70 -16.98 10.49
CA GLN A 190 -24.90 -16.24 9.25
C GLN A 190 -23.58 -16.18 8.49
N VAL A 191 -23.67 -16.35 7.16
CA VAL A 191 -22.52 -16.19 6.28
C VAL A 191 -22.67 -14.86 5.56
N LYS A 192 -21.56 -14.16 5.39
CA LYS A 192 -21.58 -12.82 4.80
C LYS A 192 -20.20 -12.48 4.27
N LEU A 193 -20.11 -12.26 2.96
CA LEU A 193 -18.86 -11.85 2.35
C LEU A 193 -18.59 -10.38 2.64
N VAL A 194 -17.32 -10.06 2.88
CA VAL A 194 -16.92 -8.69 3.21
C VAL A 194 -15.71 -8.33 2.36
N PHE A 195 -15.82 -7.21 1.65
CA PHE A 195 -14.70 -6.60 0.95
C PHE A 195 -14.37 -5.27 1.62
N SER A 196 -13.10 -5.08 1.98
CA SER A 196 -12.70 -3.89 2.71
C SER A 196 -11.33 -3.42 2.23
N ILE A 197 -11.09 -2.12 2.43
CA ILE A 197 -9.79 -1.51 2.18
C ILE A 197 -9.46 -0.63 3.38
N SER A 198 -8.34 -0.91 4.03
CA SER A 198 -7.88 -0.13 5.17
C SER A 198 -6.99 1.01 4.68
N GLN A 199 -7.01 2.12 5.41
CA GLN A 199 -6.19 3.26 5.02
C GLN A 199 -6.19 4.31 6.12
N HIS A 200 -5.04 4.95 6.32
CA HIS A 200 -4.93 6.02 7.28
C HIS A 200 -5.93 7.13 6.96
N ILE A 201 -6.40 7.82 8.00
CA ILE A 201 -7.44 8.83 7.83
C ILE A 201 -6.96 10.03 7.01
N ARG A 202 -5.66 10.12 6.71
CA ARG A 202 -5.18 11.17 5.82
C ARG A 202 -6.01 11.22 4.54
N ASP A 203 -6.31 10.06 3.97
CA ASP A 203 -6.96 9.94 2.67
C ASP A 203 -8.45 9.69 2.80
N LYS A 204 -9.11 10.39 3.72
CA LYS A 204 -10.57 10.28 3.85
C LYS A 204 -11.25 10.62 2.53
N ASN A 205 -10.76 11.65 1.84
CA ASN A 205 -11.32 12.01 0.54
C ASN A 205 -11.26 10.82 -0.43
N LEU A 206 -10.06 10.28 -0.65
CA LEU A 206 -9.90 9.14 -1.53
C LEU A 206 -10.81 7.99 -1.11
N MET A 207 -10.75 7.61 0.16
CA MET A 207 -11.57 6.51 0.65
C MET A 207 -13.05 6.76 0.36
N ASN A 208 -13.57 7.94 0.74
CA ASN A 208 -14.96 8.26 0.48
C ASN A 208 -15.29 8.12 -1.00
N SER A 209 -14.42 8.63 -1.87
CA SER A 209 -14.67 8.56 -3.31
C SER A 209 -14.77 7.12 -3.80
N LEU A 210 -14.25 6.16 -3.03
CA LEU A 210 -14.40 4.76 -3.41
C LEU A 210 -15.87 4.37 -3.54
N ILE A 211 -16.70 4.81 -2.58
CA ILE A 211 -18.13 4.55 -2.67
C ILE A 211 -18.66 5.04 -4.02
N THR A 212 -18.26 6.26 -4.41
CA THR A 212 -18.69 6.81 -5.69
C THR A 212 -18.06 6.06 -6.86
N TYR A 213 -16.81 5.62 -6.72
CA TYR A 213 -16.11 4.99 -7.84
C TYR A 213 -16.62 3.58 -8.08
N LEU A 214 -16.87 2.82 -7.02
CA LEU A 214 -17.37 1.46 -7.13
C LEU A 214 -18.89 1.37 -7.06
N GLY A 215 -19.57 2.46 -6.70
CA GLY A 215 -21.01 2.46 -6.64
C GLY A 215 -21.60 1.59 -5.55
N CYS A 216 -20.89 1.44 -4.44
CA CYS A 216 -21.36 0.64 -3.32
C CYS A 216 -20.43 0.87 -2.14
N GLY A 217 -20.70 0.17 -1.04
CA GLY A 217 -19.87 0.26 0.15
C GLY A 217 -20.12 1.52 0.95
N TYR A 218 -19.47 1.58 2.11
CA TYR A 218 -19.57 2.71 3.02
C TYR A 218 -18.23 2.85 3.74
N ILE A 219 -18.17 3.82 4.65
CA ILE A 219 -16.94 4.15 5.37
C ILE A 219 -17.14 3.86 6.86
N LYS A 220 -16.08 3.37 7.50
CA LYS A 220 -16.08 3.10 8.93
C LYS A 220 -14.83 3.72 9.53
N LYS A 221 -15.04 4.55 10.56
CA LYS A 221 -13.94 5.21 11.26
C LYS A 221 -13.56 4.37 12.47
N LYS A 222 -12.32 3.89 12.48
CA LYS A 222 -11.79 3.11 13.60
C LYS A 222 -10.74 3.94 14.35
N ASN A 223 -10.66 3.70 15.66
CA ASN A 223 -9.71 4.38 16.51
C ASN A 223 -9.03 3.39 17.43
N LYS A 224 -7.72 3.54 17.59
CA LYS A 224 -6.91 2.76 18.54
C LYS A 224 -6.14 3.77 19.38
N SER A 225 -6.82 4.35 20.36
CA SER A 225 -6.25 5.39 21.22
C SER A 225 -5.91 6.59 20.33
N GLU A 226 -4.69 7.14 20.41
CA GLU A 226 -4.29 8.24 19.54
C GLU A 226 -4.73 8.06 18.10
N PHE A 227 -4.50 6.87 17.56
CA PHE A 227 -4.51 6.66 16.12
C PHE A 227 -5.92 6.33 15.61
N SER A 228 -6.19 6.77 14.38
CA SER A 228 -7.45 6.50 13.72
C SER A 228 -7.18 6.27 12.24
N TRP A 229 -7.97 5.38 11.65
CA TRP A 229 -7.89 5.07 10.22
C TRP A 229 -9.30 4.81 9.71
N LEU A 230 -9.40 4.52 8.41
CA LEU A 230 -10.69 4.31 7.77
C LEU A 230 -10.74 2.91 7.16
N GLU A 231 -11.96 2.44 6.93
CA GLU A 231 -12.20 1.20 6.23
C GLU A 231 -13.31 1.40 5.22
N PHE A 232 -13.02 1.17 3.95
CA PHE A 232 -14.06 1.07 2.92
C PHE A 232 -14.56 -0.37 2.92
N VAL A 233 -15.85 -0.54 3.20
CA VAL A 233 -16.43 -1.87 3.41
C VAL A 233 -17.63 -2.05 2.50
N VAL A 234 -17.70 -3.22 1.86
CA VAL A 234 -18.87 -3.64 1.08
C VAL A 234 -19.32 -4.99 1.60
N THR A 235 -20.60 -5.08 1.98
CA THR A 235 -21.16 -6.34 2.46
C THR A 235 -22.44 -6.75 1.75
N LYS A 236 -23.19 -5.84 1.15
CA LYS A 236 -24.39 -6.20 0.41
C LYS A 236 -24.02 -7.18 -0.70
N PHE A 237 -24.64 -8.36 -0.67
CA PHE A 237 -24.19 -9.43 -1.56
C PHE A 237 -24.38 -9.06 -3.04
N SER A 238 -25.53 -8.47 -3.38
CA SER A 238 -25.77 -8.12 -4.78
C SER A 238 -24.65 -7.23 -5.32
N ASP A 239 -24.16 -6.30 -4.49
CA ASP A 239 -23.05 -5.45 -4.91
C ASP A 239 -21.76 -6.25 -5.04
N ILE A 240 -21.50 -7.15 -4.09
CA ILE A 240 -20.30 -7.98 -4.17
C ILE A 240 -20.37 -8.89 -5.39
N ARG A 241 -21.57 -9.31 -5.79
CA ARG A 241 -21.72 -10.27 -6.87
C ARG A 241 -21.68 -9.59 -8.24
N ASP A 242 -22.30 -8.42 -8.37
CA ASP A 242 -22.39 -7.74 -9.65
C ASP A 242 -21.39 -6.62 -9.83
N LYS A 243 -20.64 -6.26 -8.78
CA LYS A 243 -19.65 -5.18 -8.86
C LYS A 243 -18.27 -5.68 -8.47
N ILE A 244 -18.03 -5.98 -7.20
CA ILE A 244 -16.69 -6.33 -6.74
C ILE A 244 -16.15 -7.53 -7.52
N ILE A 245 -16.91 -8.63 -7.54
CA ILE A 245 -16.41 -9.85 -8.17
C ILE A 245 -16.15 -9.66 -9.66
N PRO A 246 -17.10 -9.18 -10.47
CA PRO A 246 -16.78 -8.95 -11.89
C PRO A 246 -15.60 -8.02 -12.10
N PHE A 247 -15.47 -6.99 -11.26
CA PHE A 247 -14.38 -6.04 -11.40
C PHE A 247 -13.03 -6.74 -11.30
N PHE A 248 -12.80 -7.48 -10.22
CA PHE A 248 -11.50 -8.08 -9.98
C PHE A 248 -11.26 -9.35 -10.80
N GLN A 249 -12.29 -9.89 -11.46
CA GLN A 249 -12.03 -10.93 -12.45
C GLN A 249 -11.45 -10.33 -13.72
N GLU A 250 -11.86 -9.10 -14.07
CA GLU A 250 -11.33 -8.44 -15.25
C GLU A 250 -9.96 -7.82 -15.00
N TYR A 251 -9.67 -7.43 -13.77
CA TYR A 251 -8.44 -6.73 -13.40
C TYR A 251 -7.75 -7.55 -12.31
N THR A 252 -6.84 -8.42 -12.74
CA THR A 252 -6.29 -9.44 -11.85
C THR A 252 -5.57 -8.82 -10.66
N LEU A 253 -5.81 -9.41 -9.48
CA LEU A 253 -5.04 -9.09 -8.30
C LEU A 253 -3.70 -9.81 -8.34
N ILE A 254 -2.70 -9.21 -7.71
CA ILE A 254 -1.35 -9.78 -7.66
C ILE A 254 -1.06 -10.21 -6.23
N GLY A 255 -0.27 -11.28 -6.12
CA GLY A 255 0.17 -11.75 -4.82
C GLY A 255 -0.80 -12.72 -4.18
N THR A 256 -0.54 -12.98 -2.90
CA THR A 256 -1.35 -13.93 -2.14
C THR A 256 -2.81 -13.52 -2.06
N LYS A 257 -3.11 -12.23 -2.24
CA LYS A 257 -4.50 -11.79 -2.14
C LYS A 257 -5.34 -12.33 -3.29
N LEU A 258 -4.71 -12.62 -4.43
CA LEU A 258 -5.45 -13.22 -5.54
C LEU A 258 -5.97 -14.60 -5.16
N LYS A 259 -5.20 -15.35 -4.37
CA LYS A 259 -5.68 -16.64 -3.87
C LYS A 259 -6.88 -16.46 -2.96
N ASP A 260 -6.84 -15.45 -2.08
CA ASP A 260 -7.99 -15.19 -1.21
C ASP A 260 -9.20 -14.77 -2.03
N PHE A 261 -8.99 -13.97 -3.07
CA PHE A 261 -10.09 -13.61 -3.95
C PHE A 261 -10.72 -14.84 -4.59
N GLU A 262 -9.89 -15.80 -5.02
CA GLU A 262 -10.41 -16.99 -5.70
C GLU A 262 -11.29 -17.81 -4.77
N ASP A 263 -10.83 -18.05 -3.53
CA ASP A 263 -11.67 -18.76 -2.57
C ASP A 263 -12.89 -17.92 -2.20
N TRP A 264 -12.71 -16.60 -2.05
CA TRP A 264 -13.82 -15.70 -1.78
C TRP A 264 -14.94 -15.91 -2.80
N CYS A 265 -14.58 -15.99 -4.08
CA CYS A 265 -15.59 -16.17 -5.13
C CYS A 265 -16.26 -17.53 -5.04
N LYS A 266 -15.54 -18.55 -4.57
CA LYS A 266 -16.17 -19.86 -4.38
C LYS A 266 -17.32 -19.78 -3.38
N VAL A 267 -17.13 -19.06 -2.29
CA VAL A 267 -18.20 -18.89 -1.31
C VAL A 267 -19.35 -18.08 -1.90
N ALA A 268 -19.03 -17.09 -2.74
CA ALA A 268 -20.09 -16.34 -3.41
C ALA A 268 -20.97 -17.25 -4.26
N LYS A 269 -20.37 -18.27 -4.89
CA LYS A 269 -21.14 -19.21 -5.68
C LYS A 269 -22.08 -20.03 -4.80
N LEU A 270 -21.57 -20.53 -3.68
CA LEU A 270 -22.42 -21.26 -2.74
C LEU A 270 -23.58 -20.40 -2.27
N ILE A 271 -23.35 -19.09 -2.12
CA ILE A 271 -24.39 -18.20 -1.60
C ILE A 271 -25.43 -17.90 -2.68
N GLU A 272 -25.00 -17.72 -3.93
CA GLU A 272 -25.95 -17.49 -5.01
C GLU A 272 -26.94 -18.63 -5.11
N GLU A 273 -26.47 -19.87 -5.00
CA GLU A 273 -27.34 -21.04 -4.99
C GLU A 273 -28.05 -21.25 -3.67
N LYS A 274 -27.92 -20.32 -2.72
CA LYS A 274 -28.53 -20.41 -1.39
C LYS A 274 -28.00 -21.60 -0.59
N LYS A 275 -26.90 -22.21 -1.02
CA LYS A 275 -26.34 -23.34 -0.28
C LYS A 275 -25.82 -22.93 1.09
N HIS A 276 -25.77 -21.64 1.40
CA HIS A 276 -25.32 -21.19 2.71
C HIS A 276 -26.40 -21.29 3.78
N LEU A 277 -27.63 -21.63 3.40
CA LEU A 277 -28.68 -21.90 4.37
C LEU A 277 -28.79 -23.37 4.73
N THR A 278 -28.09 -24.25 4.03
CA THR A 278 -28.15 -25.68 4.29
C THR A 278 -27.08 -26.04 5.33
N GLU A 279 -26.84 -27.33 5.50
CA GLU A 279 -25.81 -27.82 6.40
C GLU A 279 -24.56 -28.29 5.67
N GLU A 280 -24.72 -29.14 4.65
CA GLU A 280 -23.58 -29.56 3.85
C GLU A 280 -22.86 -28.37 3.26
N GLY A 281 -23.61 -27.39 2.75
CA GLY A 281 -22.98 -26.19 2.22
C GLY A 281 -22.22 -25.41 3.27
N LEU A 282 -22.70 -25.46 4.51
CA LEU A 282 -22.02 -24.71 5.58
C LEU A 282 -20.67 -25.32 5.90
N ASP A 283 -20.59 -26.66 5.92
CA ASP A 283 -19.28 -27.30 6.08
C ASP A 283 -18.34 -26.91 4.96
N GLU A 284 -18.86 -26.81 3.73
CA GLU A 284 -18.04 -26.38 2.61
C GLU A 284 -17.49 -24.98 2.83
N ILE A 285 -18.35 -24.05 3.27
CA ILE A 285 -17.91 -22.68 3.47
C ILE A 285 -16.88 -22.58 4.58
N LYS A 286 -17.05 -23.38 5.64
CA LYS A 286 -16.06 -23.39 6.71
C LYS A 286 -14.72 -23.92 6.21
N LYS A 287 -14.75 -24.92 5.32
CA LYS A 287 -13.52 -25.45 4.77
C LYS A 287 -12.80 -24.40 3.92
N ILE A 288 -13.55 -23.69 3.07
CA ILE A 288 -12.96 -22.64 2.24
C ILE A 288 -12.39 -21.54 3.13
N LYS A 289 -13.18 -21.08 4.11
CA LYS A 289 -12.72 -20.02 5.00
C LYS A 289 -11.49 -20.46 5.77
N LEU A 290 -11.50 -21.68 6.31
CA LEU A 290 -10.32 -22.19 7.01
C LEU A 290 -9.09 -22.17 6.11
N ASN A 291 -9.27 -22.51 4.83
CA ASN A 291 -8.18 -22.49 3.87
C ASN A 291 -7.66 -21.08 3.59
N MET A 292 -8.39 -20.05 4.00
CA MET A 292 -7.95 -18.67 3.81
C MET A 292 -7.22 -18.12 5.03
N ASN A 293 -7.60 -18.58 6.23
CA ASN A 293 -6.87 -18.19 7.44
C ASN A 293 -5.49 -18.84 7.48
N LYS A 294 -5.46 -20.17 7.53
CA LYS A 294 -4.19 -20.91 7.51
C LYS A 294 -3.79 -21.23 6.07
N GLY A 295 -3.51 -20.17 5.33
CA GLY A 295 -3.16 -20.27 3.93
C GLY A 295 -3.18 -18.89 3.30
#